data_3F44
#
_entry.id   3F44
#
_cell.length_a   103.380
_cell.length_b   103.380
_cell.length_c   40.970
_cell.angle_alpha   90.000
_cell.angle_beta   90.000
_cell.angle_gamma   90.000
#
_symmetry.space_group_name_H-M   'I 4'
#
loop_
_entity.id
_entity.type
_entity.pdbx_description
1 polymer 'putative monooxygenase'
2 non-polymer 'ACETATE ION'
3 water water
#
_entity_poly.entity_id   1
_entity_poly.type   'polypeptide(L)'
_entity_poly.pdbx_seq_one_letter_code
;G(MSE)DETPIFKIKKLTIAENDRSEYIRYAEKN(MSE)HDSIPAEEGTLLIGSGHDDAHGEDNYEIEVFRNKGAEDLHI
AGSHADDFVETVNKIATKQKVIDLHPEVITTKAQRALNSYADNFV(MSE)RLIKVEVKDADAEKFSHAVKKE(MSE)TTS
(MSE)ASEPG(MSE)EI(MSE)(MSE)SGTNIDNPNEWYFIEVYANDEAYDIHVKTPHYKEYIEETDG(MSE)VKSRDVK
TLVRDTLATQGAIVLD
;
_entity_poly.pdbx_strand_id   A
#
loop_
_chem_comp.id
_chem_comp.type
_chem_comp.name
_chem_comp.formula
ACT non-polymer 'ACETATE ION' 'C2 H3 O2 -1'
#
# COMPACT_ATOMS: atom_id res chain seq x y z
N GLU A 4 -9.42 11.04 13.96
CA GLU A 4 -10.20 11.49 12.77
C GLU A 4 -9.86 10.61 11.54
N THR A 5 -9.72 11.19 10.34
CA THR A 5 -9.46 10.41 9.13
C THR A 5 -8.02 9.90 9.08
N PRO A 6 -7.79 8.59 8.84
CA PRO A 6 -6.41 8.13 8.70
C PRO A 6 -5.69 8.75 7.50
N ILE A 7 -4.36 8.71 7.57
CA ILE A 7 -3.51 9.23 6.51
C ILE A 7 -2.97 8.01 5.79
N PHE A 8 -3.07 8.00 4.46
CA PHE A 8 -2.57 6.93 3.60
C PHE A 8 -1.89 7.61 2.43
N LYS A 9 -0.57 7.46 2.36
CA LYS A 9 0.25 8.07 1.31
C LYS A 9 1.18 7.08 0.64
N ILE A 10 1.40 7.29 -0.65
CA ILE A 10 2.32 6.47 -1.44
C ILE A 10 3.29 7.46 -2.07
N LYS A 11 4.58 7.22 -1.88
CA LYS A 11 5.64 8.08 -2.43
C LYS A 11 6.43 7.26 -3.44
N LYS A 12 6.42 7.69 -4.71
CA LYS A 12 7.18 7.06 -5.79
C LYS A 12 8.51 7.79 -5.79
N LEU A 13 9.59 7.07 -5.51
CA LEU A 13 10.93 7.63 -5.33
C LEU A 13 11.82 6.95 -6.34
N THR A 14 12.29 7.71 -7.33
CA THR A 14 13.12 7.18 -8.41
C THR A 14 14.56 7.36 -7.98
N ILE A 15 15.24 6.24 -7.79
CA ILE A 15 16.57 6.21 -7.24
C ILE A 15 17.41 5.25 -8.03
N ALA A 16 18.62 5.64 -8.42
CA ALA A 16 19.49 4.75 -9.18
C ALA A 16 19.60 3.42 -8.45
N GLU A 17 19.56 2.33 -9.19
CA GLU A 17 19.70 0.99 -8.58
C GLU A 17 21.01 0.89 -7.76
N ASN A 18 22.05 1.63 -8.18
CA ASN A 18 23.33 1.70 -7.44
C ASN A 18 23.19 2.30 -6.04
N ASP A 19 22.19 3.18 -5.84
CA ASP A 19 21.96 3.82 -4.51
C ASP A 19 20.88 3.15 -3.66
N ARG A 20 20.28 2.06 -4.15
CA ARG A 20 19.18 1.40 -3.43
C ARG A 20 19.59 0.82 -2.06
N SER A 21 20.83 0.34 -1.90
CA SER A 21 21.28 -0.21 -0.59
CA SER A 21 21.29 -0.21 -0.60
C SER A 21 21.26 0.85 0.52
N GLU A 22 21.70 2.07 0.20
CA GLU A 22 21.67 3.20 1.14
C GLU A 22 20.21 3.55 1.47
N TYR A 23 19.38 3.59 0.43
CA TYR A 23 17.95 3.81 0.58
C TYR A 23 17.33 2.76 1.50
N ILE A 24 17.61 1.48 1.24
CA ILE A 24 17.01 0.41 2.05
CA ILE A 24 17.04 0.38 2.04
C ILE A 24 17.48 0.48 3.50
N ARG A 25 18.74 0.82 3.74
CA ARG A 25 19.24 0.97 5.12
C ARG A 25 18.37 1.96 5.90
N TYR A 26 18.16 3.15 5.31
CA TYR A 26 17.36 4.18 5.98
C TYR A 26 15.86 3.88 5.99
N ALA A 27 15.38 3.19 4.97
CA ALA A 27 13.99 2.70 4.95
C ALA A 27 13.78 1.70 6.10
N GLU A 28 14.72 0.79 6.30
CA GLU A 28 14.61 -0.21 7.38
CA GLU A 28 14.64 -0.21 7.39
C GLU A 28 14.65 0.45 8.77
N LYS A 29 15.54 1.42 8.95
CA LYS A 29 15.63 2.16 10.23
C LYS A 29 14.33 2.92 10.51
N ASN A 30 13.79 3.55 9.47
CA ASN A 30 12.52 4.29 9.55
C ASN A 30 11.40 3.35 10.03
N MSE A 31 11.30 2.18 9.40
CA MSE A 31 10.30 1.18 9.77
C MSE A 31 10.52 0.68 11.20
O MSE A 31 9.59 0.65 11.99
CB MSE A 31 10.37 -0.01 8.81
CG MSE A 31 9.44 -1.16 9.11
SE MSE A 31 10.11 -2.77 8.33
CE MSE A 31 11.60 -3.01 9.46
N HIS A 32 11.76 0.27 11.49
CA HIS A 32 12.09 -0.27 12.81
C HIS A 32 11.89 0.70 13.98
N ASP A 33 12.29 1.96 13.78
CA ASP A 33 12.16 2.99 14.82
C ASP A 33 10.75 3.61 14.96
N SER A 34 9.90 3.39 13.96
CA SER A 34 8.52 3.89 13.95
C SER A 34 7.50 2.94 14.54
N ILE A 35 7.66 1.64 14.28
CA ILE A 35 6.69 0.62 14.72
C ILE A 35 7.41 -0.39 15.62
N PRO A 36 6.91 -0.59 16.86
CA PRO A 36 5.73 -0.03 17.54
C PRO A 36 5.93 1.28 18.32
N ALA A 37 7.11 1.90 18.30
CA ALA A 37 7.40 3.11 19.12
C ALA A 37 6.40 4.26 18.95
N GLU A 38 5.97 4.50 17.72
CA GLU A 38 5.00 5.58 17.43
C GLU A 38 3.59 4.99 17.47
N GLU A 39 2.82 5.37 18.50
CA GLU A 39 1.46 4.86 18.70
C GLU A 39 0.52 5.05 17.49
N GLY A 40 0.69 6.17 16.79
CA GLY A 40 -0.12 6.52 15.63
C GLY A 40 0.35 6.03 14.27
N THR A 41 1.49 5.34 14.21
CA THR A 41 2.03 4.82 12.95
C THR A 41 1.56 3.37 12.76
N LEU A 42 0.71 3.18 11.76
CA LEU A 42 0.01 1.92 11.51
C LEU A 42 0.71 1.00 10.51
N LEU A 43 1.37 1.58 9.52
CA LEU A 43 2.11 0.79 8.53
C LEU A 43 3.20 1.63 7.86
N ILE A 44 4.38 1.05 7.70
CA ILE A 44 5.49 1.64 6.95
C ILE A 44 6.06 0.49 6.11
N GLY A 45 6.26 0.75 4.83
CA GLY A 45 6.84 -0.23 3.94
C GLY A 45 7.32 0.36 2.65
N SER A 46 8.09 -0.41 1.89
CA SER A 46 8.64 0.03 0.62
C SER A 46 8.94 -1.16 -0.25
N GLY A 47 8.64 -1.02 -1.55
CA GLY A 47 8.96 -2.03 -2.53
C GLY A 47 9.35 -1.38 -3.84
N HIS A 48 10.19 -2.07 -4.61
CA HIS A 48 10.66 -1.54 -5.90
C HIS A 48 10.02 -2.30 -7.03
N ASP A 49 9.81 -1.61 -8.14
CA ASP A 49 9.09 -2.16 -9.31
C ASP A 49 9.98 -3.25 -9.92
N ASP A 50 9.42 -4.47 -10.02
CA ASP A 50 10.13 -5.63 -10.57
CA ASP A 50 10.17 -5.61 -10.57
C ASP A 50 10.56 -5.41 -12.04
N ALA A 51 9.83 -4.54 -12.74
CA ALA A 51 10.12 -4.18 -14.15
C ALA A 51 10.96 -2.90 -14.30
N HIS A 52 11.01 -2.05 -13.27
CA HIS A 52 11.75 -0.79 -13.30
C HIS A 52 12.34 -0.56 -11.91
N GLY A 53 13.46 -1.23 -11.65
CA GLY A 53 14.13 -1.26 -10.35
C GLY A 53 14.48 0.07 -9.70
N GLU A 54 14.58 1.11 -10.52
CA GLU A 54 14.82 2.47 -10.05
CA GLU A 54 14.81 2.48 -10.04
C GLU A 54 13.61 3.05 -9.30
N ASP A 55 12.40 2.56 -9.58
CA ASP A 55 11.18 3.08 -8.95
C ASP A 55 10.86 2.34 -7.65
N ASN A 56 10.90 3.09 -6.55
CA ASN A 56 10.58 2.61 -5.21
C ASN A 56 9.27 3.23 -4.81
N TYR A 57 8.39 2.43 -4.21
CA TYR A 57 7.10 2.91 -3.74
C TYR A 57 7.08 2.72 -2.23
N GLU A 58 7.13 3.85 -1.53
CA GLU A 58 7.14 3.88 -0.09
CA GLU A 58 7.15 3.94 -0.05
C GLU A 58 5.71 4.19 0.37
N ILE A 59 5.20 3.34 1.27
CA ILE A 59 3.81 3.35 1.73
CA ILE A 59 3.82 3.33 1.72
C ILE A 59 3.77 3.64 3.22
N GLU A 60 2.93 4.60 3.61
CA GLU A 60 2.77 5.01 5.02
C GLU A 60 1.32 5.21 5.37
N VAL A 61 0.92 4.68 6.54
CA VAL A 61 -0.43 4.82 7.05
C VAL A 61 -0.33 5.26 8.51
N PHE A 62 -1.03 6.35 8.84
CA PHE A 62 -1.07 6.93 10.20
C PHE A 62 -2.51 7.04 10.66
N ARG A 63 -2.71 7.03 11.97
CA ARG A 63 -4.06 7.13 12.55
C ARG A 63 -4.77 8.42 12.14
N ASN A 64 -4.01 9.50 12.02
CA ASN A 64 -4.51 10.82 11.61
C ASN A 64 -3.33 11.74 11.29
N LYS A 65 -3.63 12.96 10.88
CA LYS A 65 -2.63 13.99 10.52
C LYS A 65 -1.68 14.27 11.70
N GLY A 66 -2.23 14.31 12.92
CA GLY A 66 -1.45 14.54 14.12
C GLY A 66 -0.39 13.47 14.32
N ALA A 67 -0.79 12.22 14.11
CA ALA A 67 0.13 11.07 14.20
C ALA A 67 1.22 11.16 13.12
N GLU A 68 0.83 11.58 11.91
CA GLU A 68 1.79 11.77 10.84
C GLU A 68 2.86 12.81 11.24
N ASP A 69 2.43 13.92 11.82
CA ASP A 69 3.37 14.97 12.26
C ASP A 69 4.34 14.48 13.32
N LEU A 70 3.86 13.67 14.26
CA LEU A 70 4.72 13.09 15.31
C LEU A 70 5.78 12.19 14.68
N HIS A 71 5.36 11.41 13.69
CA HIS A 71 6.30 10.59 12.92
C HIS A 71 7.38 11.43 12.22
N ILE A 72 6.92 12.46 11.51
CA ILE A 72 7.80 13.37 10.75
C ILE A 72 8.86 14.01 11.64
N ALA A 73 8.52 14.29 12.90
CA ALA A 73 9.43 14.88 13.87
C ALA A 73 10.49 13.92 14.41
N GLY A 74 10.33 12.61 14.15
CA GLY A 74 11.29 11.61 14.60
C GLY A 74 12.62 11.67 13.86
N SER A 75 13.70 11.42 14.58
CA SER A 75 15.05 11.47 13.99
CA SER A 75 15.06 11.46 14.00
C SER A 75 15.22 10.50 12.83
N HIS A 76 14.65 9.31 12.97
CA HIS A 76 14.64 8.25 11.93
C HIS A 76 13.91 8.70 10.65
N ALA A 77 12.84 9.48 10.82
CA ALA A 77 12.08 10.04 9.69
C ALA A 77 12.90 11.13 9.00
N ASP A 78 13.57 11.97 9.80
CA ASP A 78 14.48 13.00 9.28
C ASP A 78 15.58 12.36 8.45
N ASP A 79 16.20 11.32 9.00
CA ASP A 79 17.27 10.57 8.31
C ASP A 79 16.79 9.98 6.97
N PHE A 80 15.59 9.41 6.99
CA PHE A 80 15.01 8.86 5.75
C PHE A 80 14.77 9.93 4.67
N VAL A 81 14.12 11.03 5.05
CA VAL A 81 13.83 12.10 4.08
C VAL A 81 15.12 12.77 3.58
N GLU A 82 16.08 13.02 4.47
CA GLU A 82 17.39 13.56 4.06
C GLU A 82 18.06 12.65 3.04
N THR A 83 18.01 11.34 3.31
CA THR A 83 18.60 10.35 2.42
C THR A 83 17.90 10.34 1.06
N VAL A 84 16.58 10.24 1.06
CA VAL A 84 15.79 10.28 -0.17
C VAL A 84 16.03 11.56 -0.96
N ASN A 85 15.99 12.73 -0.30
CA ASN A 85 16.27 13.98 -1.03
C ASN A 85 17.67 14.03 -1.63
N LYS A 86 18.62 13.42 -0.94
CA LYS A 86 19.99 13.38 -1.42
C LYS A 86 20.16 12.50 -2.68
N ILE A 87 19.47 11.36 -2.73
CA ILE A 87 19.68 10.38 -3.81
C ILE A 87 18.59 10.23 -4.87
N ALA A 88 17.37 10.71 -4.61
CA ALA A 88 16.28 10.52 -5.56
C ALA A 88 16.34 11.56 -6.70
N THR A 89 16.21 11.09 -7.94
CA THR A 89 16.14 11.99 -9.10
C THR A 89 14.72 12.48 -9.34
N LYS A 90 13.73 11.71 -8.90
CA LYS A 90 12.34 12.10 -8.99
C LYS A 90 11.60 11.62 -7.75
N GLN A 91 10.64 12.42 -7.32
CA GLN A 91 9.75 12.04 -6.23
C GLN A 91 8.35 12.49 -6.58
N LYS A 92 7.36 11.67 -6.27
CA LYS A 92 5.94 12.02 -6.47
C LYS A 92 5.16 11.48 -5.28
N VAL A 93 4.36 12.33 -4.64
CA VAL A 93 3.56 11.96 -3.47
C VAL A 93 2.10 11.87 -3.87
N ILE A 94 1.49 10.72 -3.62
CA ILE A 94 0.08 10.48 -3.87
C ILE A 94 -0.58 10.44 -2.49
N ASP A 95 -1.46 11.42 -2.21
CA ASP A 95 -2.24 11.49 -0.96
C ASP A 95 -3.57 10.81 -1.25
N LEU A 96 -3.92 9.82 -0.42
CA LEU A 96 -5.15 9.06 -0.59
C LEU A 96 -6.14 9.27 0.52
N HIS A 97 -7.43 9.35 0.16
CA HIS A 97 -8.50 9.34 1.13
C HIS A 97 -8.72 7.83 1.40
N PRO A 98 -8.48 7.35 2.63
CA PRO A 98 -8.61 5.90 2.87
C PRO A 98 -10.04 5.41 2.75
N GLU A 99 -10.21 4.25 2.12
CA GLU A 99 -11.53 3.63 1.93
C GLU A 99 -11.59 2.41 2.83
N VAL A 100 -10.77 1.39 2.54
CA VAL A 100 -10.66 0.21 3.40
C VAL A 100 -9.18 -0.08 3.63
N ILE A 101 -8.77 -0.21 4.89
CA ILE A 101 -7.39 -0.53 5.28
C ILE A 101 -7.47 -1.75 6.18
N THR A 102 -6.94 -2.88 5.70
CA THR A 102 -6.95 -4.14 6.45
C THR A 102 -5.55 -4.74 6.42
N THR A 103 -5.11 -5.25 7.56
CA THR A 103 -3.80 -5.90 7.67
C THR A 103 -3.87 -7.06 8.65
N LYS A 104 -2.95 -8.00 8.48
CA LYS A 104 -2.68 -9.06 9.44
C LYS A 104 -1.38 -8.61 10.11
N ALA A 105 -1.15 -9.09 11.33
CA ALA A 105 0.13 -8.81 12.04
C ALA A 105 1.26 -9.64 11.40
N GLN A 106 2.51 -9.35 11.78
CA GLN A 106 3.71 -10.05 11.31
CA GLN A 106 3.67 -10.15 11.28
C GLN A 106 4.17 -11.05 12.38
N ASP A 114 9.95 -12.89 2.73
CA ASP A 114 10.87 -13.37 1.69
C ASP A 114 10.13 -13.64 0.39
N ASN A 115 9.12 -14.50 0.46
CA ASN A 115 8.30 -14.89 -0.71
C ASN A 115 7.11 -13.94 -1.01
N PHE A 116 6.89 -12.92 -0.17
CA PHE A 116 5.79 -11.95 -0.35
C PHE A 116 5.70 -11.33 -1.74
N VAL A 117 4.50 -11.30 -2.29
CA VAL A 117 4.19 -10.64 -3.56
C VAL A 117 3.48 -9.36 -3.11
N MSE A 118 3.87 -8.25 -3.72
CA MSE A 118 3.32 -6.94 -3.41
CA MSE A 118 3.31 -6.91 -3.41
C MSE A 118 2.85 -6.34 -4.74
O MSE A 118 3.60 -6.38 -5.72
CB MSE A 118 4.44 -6.15 -2.79
CB MSE A 118 4.36 -6.00 -2.74
CG MSE A 118 4.08 -4.91 -2.11
CG MSE A 118 3.93 -4.57 -2.42
SE MSE A 118 5.72 -4.33 -1.25
SE MSE A 118 5.36 -3.55 -1.48
CE MSE A 118 4.94 -2.78 -0.38
CE MSE A 118 5.39 -4.57 0.20
N ARG A 119 1.60 -5.86 -4.77
CA ARG A 119 1.01 -5.27 -5.98
CA ARG A 119 1.01 -5.29 -5.98
C ARG A 119 0.44 -3.90 -5.66
N LEU A 120 0.71 -2.95 -6.56
CA LEU A 120 0.19 -1.60 -6.49
C LEU A 120 -0.70 -1.50 -7.73
N ILE A 121 -2.00 -1.25 -7.54
CA ILE A 121 -2.95 -1.19 -8.63
C ILE A 121 -3.62 0.18 -8.66
N LYS A 122 -3.61 0.84 -9.82
CA LYS A 122 -4.26 2.14 -10.02
C LYS A 122 -5.45 1.85 -10.90
N VAL A 123 -6.66 2.24 -10.47
CA VAL A 123 -7.92 1.96 -11.20
C VAL A 123 -8.71 3.25 -11.40
N GLU A 124 -9.11 3.56 -12.64
CA GLU A 124 -9.97 4.72 -12.89
C GLU A 124 -11.39 4.15 -12.93
N VAL A 125 -12.26 4.72 -12.10
CA VAL A 125 -13.67 4.32 -12.00
C VAL A 125 -14.56 5.42 -12.59
N LYS A 126 -15.65 5.02 -13.23
CA LYS A 126 -16.63 5.98 -13.76
C LYS A 126 -17.29 6.73 -12.62
N ASP A 127 -17.43 8.05 -12.76
CA ASP A 127 -18.02 8.92 -11.72
C ASP A 127 -19.38 8.44 -11.22
N ALA A 128 -20.24 8.01 -12.14
CA ALA A 128 -21.58 7.51 -11.78
C ALA A 128 -21.61 6.25 -10.92
N ASP A 129 -20.54 5.44 -10.99
CA ASP A 129 -20.43 4.18 -10.26
C ASP A 129 -19.59 4.22 -8.96
N ALA A 130 -19.19 5.41 -8.51
CA ALA A 130 -18.37 5.59 -7.31
C ALA A 130 -18.86 4.82 -6.08
N GLU A 131 -20.12 5.01 -5.73
CA GLU A 131 -20.71 4.37 -4.54
C GLU A 131 -20.85 2.85 -4.68
N LYS A 132 -21.34 2.41 -5.83
CA LYS A 132 -21.48 0.98 -6.13
C LYS A 132 -20.14 0.28 -6.13
N PHE A 133 -19.14 0.91 -6.74
CA PHE A 133 -17.79 0.34 -6.80
C PHE A 133 -17.19 0.19 -5.40
N SER A 134 -17.31 1.25 -4.61
CA SER A 134 -16.82 1.28 -3.24
CA SER A 134 -16.78 1.26 -3.24
C SER A 134 -17.37 0.12 -2.41
N HIS A 135 -18.67 -0.12 -2.55
CA HIS A 135 -19.34 -1.20 -1.81
C HIS A 135 -18.84 -2.56 -2.27
N ALA A 136 -18.73 -2.73 -3.59
CA ALA A 136 -18.27 -3.97 -4.18
C ALA A 136 -16.86 -4.31 -3.73
N VAL A 137 -15.98 -3.32 -3.76
CA VAL A 137 -14.58 -3.58 -3.42
C VAL A 137 -14.46 -3.82 -1.88
N LYS A 138 -15.26 -3.14 -1.06
CA LYS A 138 -15.29 -3.40 0.37
C LYS A 138 -15.72 -4.85 0.64
N LYS A 139 -16.75 -5.35 -0.05
CA LYS A 139 -17.21 -6.73 0.15
C LYS A 139 -16.10 -7.74 -0.14
N GLU A 140 -15.37 -7.48 -1.23
CA GLU A 140 -14.30 -8.37 -1.68
CA GLU A 140 -14.31 -8.38 -1.68
C GLU A 140 -13.13 -8.38 -0.71
N MSE A 141 -12.68 -7.18 -0.34
CA MSE A 141 -11.53 -7.03 0.56
CA MSE A 141 -11.53 -7.02 0.58
C MSE A 141 -11.81 -7.61 1.94
O MSE A 141 -10.98 -8.36 2.49
CB MSE A 141 -11.11 -5.55 0.63
CB MSE A 141 -11.05 -5.55 0.69
CG MSE A 141 -10.58 -5.00 -0.68
CG MSE A 141 -9.87 -5.24 -0.17
SE MSE A 141 -10.40 -3.09 -0.63
SE MSE A 141 -9.27 -3.42 -0.03
CE MSE A 141 -9.10 -2.99 0.87
CE MSE A 141 -10.51 -2.74 -1.23
N THR A 142 -12.97 -7.31 2.51
CA THR A 142 -13.31 -7.85 3.82
C THR A 142 -13.42 -9.38 3.82
N THR A 143 -14.03 -9.96 2.79
CA THR A 143 -14.13 -11.43 2.71
C THR A 143 -12.78 -12.08 2.47
N SER A 144 -11.96 -11.46 1.63
CA SER A 144 -10.61 -11.96 1.37
C SER A 144 -9.80 -12.03 2.66
N MSE A 145 -9.81 -10.94 3.43
CA MSE A 145 -9.07 -10.91 4.68
CA MSE A 145 -9.09 -10.84 4.70
C MSE A 145 -9.59 -11.88 5.71
O MSE A 145 -8.81 -12.43 6.50
CB MSE A 145 -9.01 -9.50 5.26
CB MSE A 145 -9.19 -9.41 5.26
CG MSE A 145 -8.16 -8.61 4.46
CG MSE A 145 -8.46 -9.12 6.58
SE MSE A 145 -6.33 -9.20 4.26
SE MSE A 145 -6.53 -9.38 6.53
CE MSE A 145 -5.81 -9.05 6.08
CE MSE A 145 -6.00 -7.93 5.40
N ALA A 146 -10.90 -12.13 5.71
CA ALA A 146 -11.52 -13.09 6.62
C ALA A 146 -11.32 -14.55 6.21
N SER A 147 -11.15 -14.82 4.90
CA SER A 147 -11.11 -16.20 4.38
C SER A 147 -9.82 -16.71 3.77
N GLU A 148 -8.90 -15.80 3.40
CA GLU A 148 -7.65 -16.17 2.73
C GLU A 148 -6.47 -15.93 3.66
N PRO A 149 -5.91 -17.00 4.26
CA PRO A 149 -4.74 -16.82 5.14
C PRO A 149 -3.50 -16.23 4.47
N GLY A 150 -3.37 -16.38 3.14
CA GLY A 150 -2.29 -15.81 2.36
C GLY A 150 -2.38 -14.33 2.06
N MSE A 151 -3.52 -13.71 2.37
CA MSE A 151 -3.67 -12.26 2.16
CA MSE A 151 -3.69 -12.26 2.16
C MSE A 151 -3.16 -11.57 3.40
O MSE A 151 -3.74 -11.70 4.48
CB MSE A 151 -5.12 -11.89 1.86
CB MSE A 151 -5.15 -11.89 1.89
CG MSE A 151 -5.65 -12.47 0.54
CG MSE A 151 -5.36 -10.41 1.51
SE MSE A 151 -4.51 -12.11 -1.04
SE MSE A 151 -4.34 -9.90 -0.09
CE MSE A 151 -4.37 -10.27 -0.76
CE MSE A 151 -5.34 -10.91 -1.36
N GLU A 152 -2.06 -10.84 3.25
CA GLU A 152 -1.41 -10.17 4.36
C GLU A 152 -1.88 -8.75 4.61
N ILE A 153 -1.97 -7.98 3.54
CA ILE A 153 -2.39 -6.58 3.58
C ILE A 153 -3.25 -6.27 2.37
N MSE A 154 -4.37 -5.59 2.62
CA MSE A 154 -5.25 -5.11 1.55
CA MSE A 154 -5.29 -5.14 1.57
C MSE A 154 -5.72 -3.73 1.96
O MSE A 154 -6.40 -3.57 2.96
CB MSE A 154 -6.42 -6.02 1.27
CB MSE A 154 -6.50 -6.08 1.47
CG MSE A 154 -6.04 -7.40 0.84
CG MSE A 154 -6.36 -7.17 0.46
SE MSE A 154 -7.66 -8.35 0.32
SE MSE A 154 -6.87 -6.55 -1.31
CE MSE A 154 -7.81 -7.91 -1.07
CE MSE A 154 -6.67 -8.24 -2.26
N MSE A 155 -5.30 -2.74 1.17
CA MSE A 155 -5.65 -1.33 1.43
CA MSE A 155 -5.71 -1.36 1.43
C MSE A 155 -6.10 -0.66 0.14
O MSE A 155 -5.58 -0.95 -0.93
CB MSE A 155 -4.49 -0.58 2.01
CB MSE A 155 -4.69 -0.57 2.28
CG MSE A 155 -4.01 -1.17 3.33
CG MSE A 155 -3.26 -0.60 1.80
SE MSE A 155 -2.59 -0.18 4.14
SE MSE A 155 -1.95 0.26 2.97
CE MSE A 155 -1.25 -0.46 2.48
CE MSE A 155 -2.32 -0.73 4.62
N SER A 156 -7.07 0.23 0.27
CA SER A 156 -7.62 0.99 -0.83
C SER A 156 -7.81 2.43 -0.42
N GLY A 157 -7.67 3.31 -1.41
CA GLY A 157 -7.89 4.72 -1.19
C GLY A 157 -8.10 5.42 -2.49
N THR A 158 -8.70 6.60 -2.44
CA THR A 158 -8.93 7.41 -3.65
C THR A 158 -8.02 8.63 -3.63
N ASN A 159 -7.52 9.01 -4.79
CA ASN A 159 -6.65 10.18 -4.88
C ASN A 159 -7.41 11.41 -4.40
N ILE A 160 -6.85 12.16 -3.44
CA ILE A 160 -7.45 13.41 -2.93
CA ILE A 160 -7.54 13.37 -2.97
C ILE A 160 -7.72 14.40 -4.08
N ASP A 161 -6.82 14.38 -5.07
CA ASP A 161 -6.90 15.26 -6.26
C ASP A 161 -7.85 14.73 -7.35
N ASN A 162 -8.31 13.48 -7.26
CA ASN A 162 -9.24 12.88 -8.23
C ASN A 162 -9.93 11.69 -7.56
N PRO A 163 -11.10 11.91 -6.93
CA PRO A 163 -11.85 10.83 -6.26
C PRO A 163 -12.20 9.59 -7.09
N ASN A 164 -12.14 9.67 -8.41
CA ASN A 164 -12.42 8.53 -9.28
C ASN A 164 -11.19 7.68 -9.61
N GLU A 165 -10.04 8.06 -9.06
CA GLU A 165 -8.78 7.34 -9.22
C GLU A 165 -8.50 6.60 -7.91
N TRP A 166 -8.59 5.28 -7.96
CA TRP A 166 -8.38 4.40 -6.82
C TRP A 166 -6.99 3.80 -6.88
N TYR A 167 -6.36 3.71 -5.72
CA TYR A 167 -5.10 2.97 -5.58
C TYR A 167 -5.34 1.85 -4.59
N PHE A 168 -4.83 0.66 -4.93
CA PHE A 168 -4.86 -0.51 -4.08
C PHE A 168 -3.45 -0.98 -3.79
N ILE A 169 -3.20 -1.36 -2.54
CA ILE A 169 -1.94 -2.01 -2.14
C ILE A 169 -2.37 -3.40 -1.64
N GLU A 170 -1.84 -4.44 -2.27
CA GLU A 170 -2.14 -5.82 -1.90
C GLU A 170 -0.81 -6.51 -1.61
N VAL A 171 -0.70 -7.18 -0.47
CA VAL A 171 0.48 -7.98 -0.15
C VAL A 171 -0.01 -9.41 0.07
N TYR A 172 0.57 -10.35 -0.69
CA TYR A 172 0.22 -11.77 -0.64
C TYR A 172 1.42 -12.49 -0.05
N ALA A 173 1.15 -13.55 0.70
CA ALA A 173 2.24 -14.34 1.33
C ALA A 173 3.21 -14.95 0.30
N ASN A 174 2.71 -15.29 -0.89
CA ASN A 174 3.50 -15.96 -1.94
C ASN A 174 2.70 -16.03 -3.25
N ASP A 175 3.26 -16.62 -4.31
CA ASP A 175 2.55 -16.72 -5.61
C ASP A 175 1.27 -17.56 -5.52
N GLU A 176 1.24 -18.53 -4.61
CA GLU A 176 0.09 -19.42 -4.44
C GLU A 176 -1.10 -18.64 -3.93
N ALA A 177 -0.86 -17.76 -2.97
CA ALA A 177 -1.92 -16.88 -2.42
C ALA A 177 -2.51 -15.98 -3.50
N TYR A 178 -1.65 -15.49 -4.39
CA TYR A 178 -2.10 -14.71 -5.55
C TYR A 178 -2.97 -15.52 -6.48
N ASP A 179 -2.52 -16.72 -6.86
CA ASP A 179 -3.30 -17.60 -7.76
C ASP A 179 -4.70 -17.93 -7.22
N ILE A 180 -4.76 -18.24 -5.92
CA ILE A 180 -6.00 -18.56 -5.22
C ILE A 180 -6.97 -17.38 -5.17
N HIS A 181 -6.42 -16.19 -4.92
CA HIS A 181 -7.21 -14.98 -4.73
C HIS A 181 -8.19 -14.69 -5.84
N VAL A 182 -7.75 -14.87 -7.09
CA VAL A 182 -8.61 -14.61 -8.26
C VAL A 182 -9.61 -15.73 -8.59
N LYS A 183 -9.55 -16.87 -7.89
CA LYS A 183 -10.43 -18.02 -8.14
C LYS A 183 -11.51 -18.23 -7.08
N THR A 184 -11.63 -17.30 -6.11
CA THR A 184 -12.60 -17.45 -5.03
C THR A 184 -14.00 -17.03 -5.47
N PRO A 185 -15.05 -17.53 -4.79
CA PRO A 185 -16.42 -17.11 -5.11
C PRO A 185 -16.67 -15.60 -4.96
N HIS A 186 -16.06 -15.01 -3.93
CA HIS A 186 -16.15 -13.59 -3.65
C HIS A 186 -15.44 -12.76 -4.72
N TYR A 187 -14.31 -13.25 -5.24
CA TYR A 187 -13.63 -12.52 -6.33
C TYR A 187 -14.49 -12.55 -7.60
N LYS A 188 -15.11 -13.70 -7.88
CA LYS A 188 -16.00 -13.87 -9.05
CA LYS A 188 -16.01 -13.88 -9.05
C LYS A 188 -17.15 -12.86 -8.99
N GLU A 189 -17.75 -12.73 -7.81
CA GLU A 189 -18.81 -11.78 -7.60
C GLU A 189 -18.33 -10.35 -7.84
N TYR A 190 -17.16 -10.03 -7.28
CA TYR A 190 -16.55 -8.71 -7.42
C TYR A 190 -16.35 -8.29 -8.88
N ILE A 191 -15.76 -9.18 -9.68
CA ILE A 191 -15.52 -8.87 -11.11
C ILE A 191 -16.81 -8.73 -11.93
N GLU A 192 -17.86 -9.50 -11.60
CA GLU A 192 -19.15 -9.34 -12.28
C GLU A 192 -19.81 -8.02 -11.90
N GLU A 193 -19.83 -7.73 -10.59
CA GLU A 193 -20.47 -6.53 -10.07
C GLU A 193 -19.85 -5.25 -10.60
N THR A 194 -18.54 -5.23 -10.74
CA THR A 194 -17.81 -4.03 -11.16
C THR A 194 -17.54 -3.93 -12.65
N ASP A 195 -18.05 -4.88 -13.43
CA ASP A 195 -17.82 -4.84 -14.89
C ASP A 195 -18.54 -3.62 -15.46
N GLY A 196 -17.81 -2.83 -16.25
CA GLY A 196 -18.33 -1.61 -16.80
C GLY A 196 -18.13 -0.38 -15.96
N MSE A 197 -17.70 -0.56 -14.70
CA MSE A 197 -17.44 0.56 -13.82
C MSE A 197 -15.99 1.03 -13.95
O MSE A 197 -15.71 2.18 -13.69
CB MSE A 197 -17.66 0.16 -12.36
CG MSE A 197 -19.02 -0.35 -12.09
SE MSE A 197 -19.35 -0.59 -10.19
CE MSE A 197 -21.16 -1.25 -10.35
N VAL A 198 -15.09 0.12 -14.36
CA VAL A 198 -13.66 0.40 -14.42
C VAL A 198 -13.27 0.78 -15.85
N LYS A 199 -12.62 1.93 -15.99
CA LYS A 199 -12.16 2.45 -17.28
C LYS A 199 -10.76 2.00 -17.61
N SER A 200 -9.92 1.86 -16.57
CA SER A 200 -8.58 1.40 -16.76
C SER A 200 -8.00 0.83 -15.47
N ARG A 201 -6.98 -0.05 -15.61
N ARG A 201 -7.03 -0.08 -15.65
CA ARG A 201 -6.33 -0.74 -14.47
CA ARG A 201 -6.24 -0.65 -14.58
C ARG A 201 -4.82 -0.94 -14.77
C ARG A 201 -4.77 -0.51 -14.99
N ASP A 202 -3.93 -0.30 -13.99
CA ASP A 202 -2.47 -0.32 -14.19
C ASP A 202 -1.92 -1.05 -12.96
N VAL A 203 -1.13 -2.10 -13.19
CA VAL A 203 -0.56 -2.91 -12.11
C VAL A 203 0.95 -2.80 -12.10
N LYS A 204 1.49 -2.62 -10.89
CA LYS A 204 2.93 -2.66 -10.67
C LYS A 204 3.20 -3.77 -9.67
N THR A 205 4.06 -4.73 -10.04
CA THR A 205 4.44 -5.83 -9.17
C THR A 205 5.71 -5.33 -8.50
N LEU A 206 5.67 -5.24 -7.17
CA LEU A 206 6.78 -4.72 -6.38
C LEU A 206 7.49 -5.84 -5.61
N VAL A 207 8.81 -5.68 -5.49
CA VAL A 207 9.65 -6.55 -4.71
C VAL A 207 9.70 -5.87 -3.35
N ARG A 208 9.17 -6.52 -2.31
CA ARG A 208 9.17 -5.99 -0.95
C ARG A 208 10.58 -5.85 -0.41
N ASP A 209 10.89 -4.64 0.03
CA ASP A 209 12.16 -4.31 0.68
C ASP A 209 11.96 -4.15 2.18
N THR A 210 10.92 -3.44 2.59
CA THR A 210 10.56 -3.26 4.00
C THR A 210 9.04 -3.33 4.15
N LEU A 211 8.59 -3.87 5.28
CA LEU A 211 7.15 -3.85 5.61
C LEU A 211 6.96 -4.19 7.08
N ALA A 212 6.28 -3.29 7.78
CA ALA A 212 5.85 -3.51 9.16
C ALA A 212 4.48 -2.88 9.37
N THR A 213 3.69 -3.48 10.26
CA THR A 213 2.39 -2.97 10.68
C THR A 213 2.25 -3.03 12.19
N GLN A 214 1.36 -2.22 12.75
N GLN A 214 1.39 -2.18 12.75
CA GLN A 214 1.09 -2.19 14.19
CA GLN A 214 1.05 -2.19 14.16
C GLN A 214 -0.02 -3.22 14.50
C GLN A 214 -0.08 -3.20 14.29
N GLY A 215 0.27 -4.48 14.19
CA GLY A 215 -0.68 -5.59 14.34
C GLY A 215 -1.79 -5.66 13.30
N ALA A 216 -2.86 -6.36 13.65
CA ALA A 216 -4.04 -6.54 12.79
C ALA A 216 -4.90 -5.28 12.85
N ILE A 217 -5.07 -4.63 11.69
CA ILE A 217 -5.82 -3.37 11.56
C ILE A 217 -7.02 -3.65 10.64
N VAL A 218 -8.17 -3.08 10.97
CA VAL A 218 -9.39 -3.23 10.16
C VAL A 218 -10.22 -1.95 10.21
N LEU A 219 -9.93 -1.04 9.29
CA LEU A 219 -10.60 0.25 9.17
C LEU A 219 -11.41 0.28 7.87
N ASP A 220 -12.74 0.09 7.97
CA ASP A 220 -13.66 0.11 6.81
C ASP A 220 -14.87 1.03 7.04
C ACT B . 19.82 -1.25 10.07
O ACT B . 20.78 -0.94 9.31
OXT ACT B . 19.66 -0.59 11.12
CH3 ACT B . 18.92 -2.39 9.72
#